data_5CGB
#
_entry.id   5CGB
#
_cell.length_a   63.580
_cell.length_b   68.550
_cell.length_c   95.780
_cell.angle_alpha   90.00
_cell.angle_beta   90.00
_cell.angle_gamma   90.00
#
_symmetry.space_group_name_H-M   'P 21 21 21'
#
loop_
_entity.id
_entity.type
_entity.pdbx_description
1 polymer 'Protein FimH'
2 non-polymer (6R)-1,6-anhydro-2-O-heptyl-6-(hydroxymethyl)-D-galactitol
3 non-polymer 'SULFATE ION'
4 water water
#
_entity_poly.entity_id   1
_entity_poly.type   'polypeptide(L)'
_entity_poly.pdbx_seq_one_letter_code
;FACKTANGTAIPIGGGSANVYVNLAPVVNVGQNLVVDLSTQIFCHNDYPETITDYVTLQRGSAYGGVLSNFSGTVKYSGS
SYPFPTTSETPRVVYNSRTDKPWPVALYLTPVSSAGGVAIKAGSLIAVLILRQTNNYNSDDFQFVWNIYANNDVVVPT
;
_entity_poly.pdbx_strand_id   A,B
#
loop_
_chem_comp.id
_chem_comp.type
_chem_comp.name
_chem_comp.formula
51C non-polymer (6R)-1,6-anhydro-2-O-heptyl-6-(hydroxymethyl)-D-galactitol 'C14 H28 O6'
SO4 non-polymer 'SULFATE ION' 'O4 S -2'
#
# COMPACT_ATOMS: atom_id res chain seq x y z
N PHE A 1 -11.91 -20.91 -8.25
CA PHE A 1 -10.77 -19.96 -8.04
C PHE A 1 -9.81 -20.04 -9.21
N ALA A 2 -9.46 -18.90 -9.76
CA ALA A 2 -8.49 -18.84 -10.84
C ALA A 2 -7.85 -17.47 -10.86
N CYS A 3 -6.78 -17.35 -11.64
CA CYS A 3 -5.97 -16.14 -11.65
C CYS A 3 -5.61 -15.73 -13.07
N LYS A 4 -5.28 -14.47 -13.24
CA LYS A 4 -4.83 -14.00 -14.54
C LYS A 4 -3.87 -12.84 -14.38
N THR A 5 -3.09 -12.58 -15.43
CA THR A 5 -2.16 -11.46 -15.39
C THR A 5 -2.74 -10.25 -16.10
N ALA A 6 -2.04 -9.12 -15.99
CA ALA A 6 -2.51 -7.87 -16.57
C ALA A 6 -2.64 -7.97 -18.09
N ASN A 7 -1.87 -8.85 -18.71
CA ASN A 7 -1.93 -8.99 -20.17
C ASN A 7 -2.85 -10.13 -20.61
N GLY A 8 -3.57 -10.71 -19.65
CA GLY A 8 -4.59 -11.70 -19.95
C GLY A 8 -4.16 -13.16 -19.85
N THR A 9 -2.89 -13.41 -19.53
CA THR A 9 -2.44 -14.78 -19.33
C THR A 9 -3.10 -15.35 -18.10
N ALA A 10 -3.75 -16.49 -18.23
CA ALA A 10 -4.54 -17.04 -17.14
C ALA A 10 -4.02 -18.40 -16.67
N ILE A 11 -4.29 -18.69 -15.40
CA ILE A 11 -4.17 -20.04 -14.85
C ILE A 11 -5.56 -20.43 -14.36
N PRO A 12 -6.11 -21.54 -14.85
CA PRO A 12 -7.50 -21.87 -14.53
C PRO A 12 -7.69 -22.61 -13.21
N ILE A 13 -8.94 -22.86 -12.88
CA ILE A 13 -9.32 -23.76 -11.80
C ILE A 13 -8.41 -24.98 -11.78
N GLY A 14 -7.87 -25.27 -10.61
CA GLY A 14 -6.99 -26.42 -10.44
C GLY A 14 -5.50 -26.08 -10.46
N GLY A 15 -5.18 -24.83 -10.79
CA GLY A 15 -3.79 -24.41 -10.80
C GLY A 15 -3.05 -24.68 -12.09
N GLY A 16 -1.74 -24.45 -12.04
CA GLY A 16 -0.89 -24.54 -13.21
C GLY A 16 0.22 -23.52 -13.10
N SER A 17 0.76 -23.12 -14.24
CA SER A 17 1.88 -22.17 -14.24
C SER A 17 1.70 -21.10 -15.33
N ALA A 18 2.33 -19.96 -15.12
CA ALA A 18 2.33 -18.89 -16.11
C ALA A 18 3.57 -18.05 -15.97
N ASN A 19 3.93 -17.39 -17.07
CA ASN A 19 5.06 -16.46 -17.07
C ASN A 19 4.54 -15.03 -16.91
N VAL A 20 5.29 -14.24 -16.16
CA VAL A 20 4.97 -12.84 -15.92
C VAL A 20 6.22 -12.04 -16.25
N TYR A 21 6.06 -11.06 -17.13
CA TYR A 21 7.18 -10.23 -17.57
C TYR A 21 7.04 -8.86 -16.95
N VAL A 22 8.08 -8.43 -16.24
CA VAL A 22 8.01 -7.20 -15.46
C VAL A 22 9.03 -6.17 -15.92
N ASN A 23 8.60 -4.92 -16.00
CA ASN A 23 9.52 -3.82 -16.22
C ASN A 23 10.18 -3.48 -14.90
N LEU A 24 11.48 -3.22 -14.95
CA LEU A 24 12.27 -2.96 -13.75
C LEU A 24 12.96 -1.60 -13.85
N ALA A 25 13.09 -0.91 -12.71
CA ALA A 25 13.85 0.33 -12.68
C ALA A 25 15.24 0.05 -13.27
N PRO A 26 15.68 0.84 -14.26
CA PRO A 26 16.91 0.48 -14.98
C PRO A 26 18.20 0.74 -14.23
N VAL A 27 18.16 1.64 -13.25
CA VAL A 27 19.34 1.97 -12.47
C VAL A 27 18.93 1.95 -11.01
N VAL A 28 19.63 1.14 -10.23
CA VAL A 28 19.37 1.02 -8.80
C VAL A 28 20.68 1.10 -8.05
N ASN A 29 20.81 2.10 -7.19
CA ASN A 29 22.02 2.26 -6.40
C ASN A 29 22.05 1.35 -5.19
N VAL A 30 23.26 0.98 -4.75
CA VAL A 30 23.41 0.36 -3.46
C VAL A 30 22.75 1.31 -2.47
N GLY A 31 21.94 0.77 -1.56
CA GLY A 31 21.22 1.58 -0.60
C GLY A 31 19.78 1.90 -1.00
N GLN A 32 19.42 1.54 -2.23
CA GLN A 32 18.06 1.73 -2.74
C GLN A 32 17.34 0.40 -2.93
N ASN A 33 16.01 0.44 -2.97
CA ASN A 33 15.22 -0.74 -3.31
C ASN A 33 14.79 -0.74 -4.76
N LEU A 34 14.93 -1.91 -5.37
CA LEU A 34 14.23 -2.27 -6.60
C LEU A 34 12.92 -2.90 -6.16
N VAL A 35 11.79 -2.31 -6.56
CA VAL A 35 10.49 -2.79 -6.15
C VAL A 35 9.83 -3.50 -7.32
N VAL A 36 9.44 -4.74 -7.11
CA VAL A 36 8.70 -5.51 -8.09
C VAL A 36 7.30 -5.76 -7.50
N ASP A 37 6.35 -4.91 -7.86
CA ASP A 37 5.00 -4.98 -7.31
C ASP A 37 4.10 -5.87 -8.17
N LEU A 38 3.91 -7.11 -7.76
CA LEU A 38 3.15 -8.05 -8.56
C LEU A 38 1.65 -7.83 -8.40
N SER A 39 1.25 -7.00 -7.44
CA SER A 39 -0.18 -6.74 -7.24
C SER A 39 -0.77 -5.96 -8.42
N THR A 40 0.08 -5.39 -9.27
CA THR A 40 -0.41 -4.71 -10.46
C THR A 40 -0.45 -5.64 -11.67
N GLN A 41 0.02 -6.87 -11.49
CA GLN A 41 0.11 -7.79 -12.61
C GLN A 41 -0.55 -9.15 -12.40
N ILE A 42 -0.86 -9.53 -11.16
CA ILE A 42 -1.51 -10.81 -10.89
C ILE A 42 -2.81 -10.58 -10.13
N PHE A 43 -3.91 -11.13 -10.65
CA PHE A 43 -5.24 -10.92 -10.09
C PHE A 43 -5.96 -12.24 -9.97
N CYS A 44 -6.72 -12.42 -8.90
CA CYS A 44 -7.41 -13.69 -8.69
C CYS A 44 -8.84 -13.44 -8.26
N HIS A 45 -9.66 -14.48 -8.33
CA HIS A 45 -11.03 -14.38 -7.86
C HIS A 45 -11.59 -15.73 -7.44
N ASN A 46 -12.66 -15.66 -6.66
CA ASN A 46 -13.42 -16.79 -6.15
C ASN A 46 -14.60 -17.07 -7.09
N ASP A 47 -14.77 -18.30 -7.54
CA ASP A 47 -15.81 -18.63 -8.52
C ASP A 47 -17.17 -18.97 -7.91
N TYR A 48 -17.25 -19.07 -6.59
CA TYR A 48 -18.49 -19.50 -5.93
C TYR A 48 -18.58 -18.90 -4.53
N PRO A 49 -18.52 -17.56 -4.42
CA PRO A 49 -18.47 -16.91 -3.10
C PRO A 49 -19.79 -17.03 -2.34
N GLU A 50 -20.85 -17.44 -3.02
CA GLU A 50 -22.12 -17.71 -2.39
C GLU A 50 -22.00 -18.81 -1.33
N THR A 51 -21.04 -19.71 -1.53
CA THR A 51 -20.94 -20.92 -0.73
C THR A 51 -19.53 -21.21 -0.21
N ILE A 52 -18.53 -20.76 -0.94
CA ILE A 52 -17.14 -21.10 -0.64
C ILE A 52 -16.31 -19.88 -0.28
N THR A 53 -15.43 -20.06 0.69
CA THR A 53 -14.38 -19.10 0.97
C THR A 53 -13.04 -19.70 0.53
N ASP A 54 -12.29 -18.95 -0.26
CA ASP A 54 -10.95 -19.38 -0.70
C ASP A 54 -9.87 -18.77 0.19
N TYR A 55 -8.82 -19.56 0.40
CA TYR A 55 -7.67 -19.13 1.18
C TYR A 55 -6.41 -19.19 0.32
N VAL A 56 -5.63 -18.12 0.34
CA VAL A 56 -4.50 -17.99 -0.58
C VAL A 56 -3.24 -17.56 0.16
N THR A 57 -2.18 -18.34 0.01
CA THR A 57 -0.90 -17.99 0.58
C THR A 57 0.16 -17.85 -0.49
N LEU A 58 1.25 -17.17 -0.13
CA LEU A 58 2.52 -17.34 -0.82
C LEU A 58 3.20 -18.52 -0.13
N GLN A 59 3.15 -19.70 -0.76
CA GLN A 59 3.70 -20.90 -0.16
C GLN A 59 5.23 -20.79 -0.12
N ARG A 60 5.79 -20.29 -1.20
CA ARG A 60 7.21 -19.98 -1.22
C ARG A 60 7.56 -19.09 -2.38
N GLY A 61 8.67 -18.41 -2.21
CA GLY A 61 9.22 -17.55 -3.24
C GLY A 61 10.70 -17.83 -3.35
N SER A 62 11.16 -18.05 -4.57
CA SER A 62 12.56 -18.34 -4.84
C SER A 62 13.12 -17.28 -5.75
N ALA A 63 14.40 -16.98 -5.58
CA ALA A 63 15.12 -16.02 -6.40
C ALA A 63 16.06 -16.74 -7.36
N TYR A 64 16.27 -16.16 -8.53
CA TYR A 64 17.14 -16.76 -9.54
C TYR A 64 18.03 -15.71 -10.20
N GLY A 65 19.04 -16.17 -10.92
CA GLY A 65 19.89 -15.29 -11.70
C GLY A 65 20.44 -14.14 -10.92
N GLY A 66 20.30 -12.95 -11.47
CA GLY A 66 20.90 -11.77 -10.87
C GLY A 66 20.28 -11.40 -9.53
N VAL A 67 19.03 -11.78 -9.32
CA VAL A 67 18.39 -11.45 -8.05
C VAL A 67 18.99 -12.30 -6.94
N LEU A 68 19.24 -13.58 -7.22
CA LEU A 68 19.84 -14.46 -6.23
C LEU A 68 21.27 -14.02 -5.89
N SER A 69 22.02 -13.60 -6.89
CA SER A 69 23.44 -13.32 -6.68
C SER A 69 23.74 -11.88 -6.28
N ASN A 70 22.91 -10.92 -6.70
CA ASN A 70 23.27 -9.50 -6.53
C ASN A 70 22.35 -8.68 -5.62
N PHE A 71 21.30 -9.29 -5.08
CA PHE A 71 20.34 -8.57 -4.26
C PHE A 71 20.02 -9.27 -2.94
N SER A 72 19.61 -8.46 -1.98
CA SER A 72 19.13 -8.91 -0.68
C SER A 72 17.65 -8.60 -0.65
N GLY A 73 16.83 -9.63 -0.45
CA GLY A 73 15.41 -9.53 -0.70
C GLY A 73 14.47 -9.59 0.49
N THR A 74 13.36 -8.90 0.33
CA THR A 74 12.24 -8.92 1.26
C THR A 74 10.98 -9.08 0.43
N VAL A 75 10.03 -9.88 0.88
CA VAL A 75 8.73 -9.93 0.20
C VAL A 75 7.69 -9.39 1.17
N LYS A 76 6.83 -8.52 0.65
CA LYS A 76 5.70 -8.03 1.42
C LYS A 76 4.46 -8.74 0.91
N TYR A 77 3.74 -9.40 1.81
CA TYR A 77 2.50 -10.08 1.48
C TYR A 77 1.38 -9.53 2.34
N SER A 78 0.42 -8.90 1.70
CA SER A 78 -0.75 -8.34 2.37
C SER A 78 -0.32 -7.51 3.58
N GLY A 79 0.68 -6.67 3.40
CA GLY A 79 1.06 -5.69 4.40
C GLY A 79 2.12 -6.12 5.42
N SER A 80 2.55 -7.37 5.36
CA SER A 80 3.60 -7.85 6.26
C SER A 80 4.84 -8.28 5.47
N SER A 81 6.02 -8.06 6.05
CA SER A 81 7.27 -8.34 5.37
C SER A 81 7.98 -9.58 5.88
N TYR A 82 8.59 -10.30 4.95
CA TYR A 82 9.28 -11.56 5.23
C TYR A 82 10.54 -11.67 4.39
N PRO A 83 11.47 -12.55 4.79
CA PRO A 83 12.65 -12.76 3.94
C PRO A 83 12.28 -13.33 2.57
N PHE A 84 13.04 -12.91 1.56
CA PHE A 84 12.92 -13.43 0.20
C PHE A 84 14.34 -13.67 -0.32
N PRO A 85 14.66 -14.89 -0.77
CA PRO A 85 13.89 -16.14 -0.81
C PRO A 85 13.26 -16.49 0.53
N THR A 86 12.11 -17.15 0.47
CA THR A 86 11.27 -17.29 1.64
C THR A 86 11.69 -18.46 2.52
N THR A 87 11.31 -18.36 3.79
CA THR A 87 11.66 -19.37 4.79
C THR A 87 10.43 -19.98 5.47
N SER A 88 9.24 -19.50 5.12
CA SER A 88 8.00 -20.06 5.64
C SER A 88 6.82 -19.63 4.76
N GLU A 89 5.79 -20.47 4.76
CA GLU A 89 4.55 -20.11 4.09
C GLU A 89 3.92 -18.94 4.85
N THR A 90 3.35 -17.99 4.11
CA THR A 90 2.70 -16.83 4.69
C THR A 90 1.35 -17.15 5.31
N PRO A 91 0.81 -16.20 6.10
CA PRO A 91 -0.59 -16.29 6.47
C PRO A 91 -1.49 -16.28 5.23
N ARG A 92 -2.72 -16.74 5.41
CA ARG A 92 -3.70 -16.79 4.34
C ARG A 92 -4.36 -15.43 4.08
N VAL A 93 -4.59 -15.13 2.81
CA VAL A 93 -5.46 -14.04 2.40
C VAL A 93 -6.77 -14.66 1.95
N VAL A 94 -7.89 -14.08 2.39
CA VAL A 94 -9.20 -14.58 2.01
C VAL A 94 -9.61 -14.01 0.67
N TYR A 95 -10.07 -14.88 -0.22
CA TYR A 95 -10.72 -14.47 -1.47
C TYR A 95 -12.18 -14.88 -1.37
N ASN A 96 -13.07 -13.90 -1.37
CA ASN A 96 -14.47 -14.13 -1.10
C ASN A 96 -15.39 -13.36 -2.04
N SER A 97 -14.85 -13.00 -3.20
CA SER A 97 -15.60 -12.28 -4.21
C SER A 97 -15.28 -12.76 -5.61
N ARG A 98 -16.27 -12.64 -6.50
CA ARG A 98 -16.08 -13.00 -7.89
C ARG A 98 -15.36 -11.86 -8.62
N THR A 99 -15.35 -10.68 -8.00
CA THR A 99 -14.62 -9.54 -8.56
C THR A 99 -13.13 -9.76 -8.35
N ASP A 100 -12.34 -9.57 -9.41
CA ASP A 100 -10.90 -9.73 -9.33
C ASP A 100 -10.30 -8.90 -8.21
N LYS A 101 -9.38 -9.51 -7.48
CA LYS A 101 -8.63 -8.84 -6.44
C LYS A 101 -7.15 -9.08 -6.72
N PRO A 102 -6.32 -8.05 -6.59
CA PRO A 102 -4.89 -8.30 -6.79
C PRO A 102 -4.33 -9.32 -5.82
N TRP A 103 -3.34 -10.07 -6.25
CA TRP A 103 -2.56 -10.90 -5.35
C TRP A 103 -1.52 -9.97 -4.69
N PRO A 104 -1.63 -9.75 -3.36
CA PRO A 104 -0.89 -8.65 -2.72
C PRO A 104 0.58 -8.98 -2.39
N VAL A 105 1.36 -9.19 -3.45
CA VAL A 105 2.77 -9.54 -3.34
C VAL A 105 3.64 -8.45 -3.94
N ALA A 106 4.66 -8.02 -3.19
CA ALA A 106 5.66 -7.11 -3.74
C ALA A 106 7.03 -7.54 -3.27
N LEU A 107 8.00 -7.55 -4.17
CA LEU A 107 9.39 -7.83 -3.81
C LEU A 107 10.16 -6.54 -3.62
N TYR A 108 10.93 -6.47 -2.55
CA TYR A 108 11.83 -5.35 -2.30
C TYR A 108 13.26 -5.88 -2.32
N LEU A 109 14.01 -5.44 -3.33
CA LEU A 109 15.30 -6.03 -3.63
C LEU A 109 16.36 -4.95 -3.56
N THR A 110 17.30 -5.07 -2.63
CA THR A 110 18.32 -4.04 -2.50
C THR A 110 19.70 -4.63 -2.84
N PRO A 111 20.54 -3.88 -3.58
CA PRO A 111 21.79 -4.51 -3.99
C PRO A 111 22.71 -4.90 -2.83
N VAL A 112 23.35 -6.06 -2.92
CA VAL A 112 24.39 -6.42 -1.96
C VAL A 112 25.62 -5.58 -2.26
N SER A 113 26.54 -5.50 -1.31
CA SER A 113 27.66 -4.59 -1.46
C SER A 113 28.58 -4.99 -2.61
N SER A 114 28.62 -6.28 -2.94
CA SER A 114 29.43 -6.75 -4.06
C SER A 114 28.81 -6.45 -5.44
N ALA A 115 27.57 -5.98 -5.46
CA ALA A 115 26.86 -5.80 -6.72
C ALA A 115 27.41 -4.60 -7.49
N GLY A 116 27.39 -4.71 -8.81
CA GLY A 116 27.91 -3.65 -9.65
C GLY A 116 27.81 -4.03 -11.11
N GLY A 117 27.39 -3.08 -11.94
CA GLY A 117 27.26 -3.32 -13.37
C GLY A 117 25.89 -3.87 -13.68
N VAL A 118 25.81 -4.71 -14.70
CA VAL A 118 24.53 -5.28 -15.06
C VAL A 118 24.18 -6.37 -14.03
N ALA A 119 23.27 -6.04 -13.13
CA ALA A 119 22.97 -6.89 -11.99
C ALA A 119 21.80 -7.83 -12.27
N ILE A 120 20.95 -7.43 -13.21
CA ILE A 120 19.87 -8.30 -13.73
C ILE A 120 19.91 -8.18 -15.24
N LYS A 121 19.91 -9.31 -15.94
CA LYS A 121 19.89 -9.30 -17.40
C LYS A 121 18.49 -9.36 -17.99
N ALA A 122 18.25 -8.55 -19.02
CA ALA A 122 16.98 -8.57 -19.72
C ALA A 122 16.65 -9.99 -20.18
N GLY A 123 15.41 -10.38 -19.95
CA GLY A 123 14.94 -11.68 -20.38
C GLY A 123 15.19 -12.81 -19.40
N SER A 124 15.93 -12.53 -18.32
CA SER A 124 16.28 -13.57 -17.37
C SER A 124 15.16 -13.84 -16.38
N LEU A 125 15.10 -15.08 -15.92
CA LEU A 125 14.25 -15.46 -14.79
C LEU A 125 14.80 -14.84 -13.52
N ILE A 126 13.95 -14.12 -12.79
CA ILE A 126 14.38 -13.48 -11.54
C ILE A 126 13.71 -14.11 -10.30
N ALA A 127 12.54 -14.72 -10.47
CA ALA A 127 11.85 -15.28 -9.32
C ALA A 127 10.82 -16.30 -9.76
N VAL A 128 10.52 -17.23 -8.85
CA VAL A 128 9.36 -18.11 -8.99
C VAL A 128 8.56 -17.95 -7.70
N LEU A 129 7.28 -17.64 -7.86
CA LEU A 129 6.39 -17.42 -6.73
C LEU A 129 5.27 -18.44 -6.79
N ILE A 130 5.08 -19.17 -5.70
CA ILE A 130 4.03 -20.19 -5.66
C ILE A 130 2.87 -19.70 -4.82
N LEU A 131 1.73 -19.52 -5.49
CA LEU A 131 0.48 -19.19 -4.85
C LEU A 131 -0.22 -20.51 -4.51
N ARG A 132 -0.55 -20.71 -3.25
CA ARG A 132 -1.26 -21.91 -2.82
C ARG A 132 -2.70 -21.59 -2.44
N GLN A 133 -3.64 -22.26 -3.09
CA GLN A 133 -5.06 -22.02 -2.85
C GLN A 133 -5.75 -23.23 -2.24
N THR A 134 -6.42 -22.98 -1.13
CA THR A 134 -7.28 -23.97 -0.48
C THR A 134 -8.64 -23.33 -0.26
N ASN A 135 -9.55 -24.03 0.41
CA ASN A 135 -10.84 -23.43 0.70
C ASN A 135 -11.46 -24.05 1.95
N ASN A 136 -12.70 -23.63 2.26
CA ASN A 136 -13.43 -24.15 3.41
C ASN A 136 -14.53 -25.12 2.99
N TYR A 137 -14.38 -25.72 1.81
CA TYR A 137 -15.46 -26.48 1.19
C TYR A 137 -15.09 -27.94 0.93
N ASN A 138 -13.91 -28.16 0.37
CA ASN A 138 -13.46 -29.51 0.06
C ASN A 138 -11.96 -29.63 0.30
N SER A 139 -11.34 -30.63 -0.31
CA SER A 139 -9.93 -30.92 -0.03
C SER A 139 -8.97 -30.28 -1.04
N ASP A 140 -9.49 -29.39 -1.89
CA ASP A 140 -8.68 -28.75 -2.92
C ASP A 140 -7.44 -28.07 -2.34
N ASP A 141 -6.31 -28.31 -2.98
CA ASP A 141 -5.04 -27.77 -2.54
C ASP A 141 -4.21 -27.58 -3.80
N PHE A 142 -4.30 -26.40 -4.40
CA PHE A 142 -3.77 -26.14 -5.73
C PHE A 142 -2.63 -25.15 -5.74
N GLN A 143 -1.65 -25.36 -6.61
CA GLN A 143 -0.55 -24.43 -6.78
C GLN A 143 -0.68 -23.67 -8.09
N PHE A 144 -0.56 -22.36 -7.98
CA PHE A 144 -0.52 -21.45 -9.12
C PHE A 144 0.90 -20.90 -9.15
N VAL A 145 1.67 -21.31 -10.14
CA VAL A 145 3.11 -21.03 -10.16
C VAL A 145 3.41 -19.89 -11.12
N TRP A 146 4.02 -18.84 -10.60
CA TRP A 146 4.28 -17.63 -11.38
C TRP A 146 5.77 -17.50 -11.61
N ASN A 147 6.18 -17.65 -12.86
CA ASN A 147 7.56 -17.50 -13.26
C ASN A 147 7.78 -16.06 -13.70
N ILE A 148 8.65 -15.34 -12.98
CA ILE A 148 8.82 -13.91 -13.13
C ILE A 148 10.10 -13.62 -13.93
N TYR A 149 9.95 -12.95 -15.06
CA TYR A 149 11.05 -12.62 -15.95
C TYR A 149 11.26 -11.12 -16.05
N ALA A 150 12.52 -10.71 -16.16
CA ALA A 150 12.88 -9.31 -16.35
C ALA A 150 12.69 -8.87 -17.80
N ASN A 151 12.06 -7.72 -18.01
CA ASN A 151 11.91 -7.18 -19.36
C ASN A 151 13.14 -6.40 -19.82
N ASN A 152 13.98 -6.02 -18.87
CA ASN A 152 15.10 -5.14 -19.20
C ASN A 152 16.26 -5.33 -18.24
N ASP A 153 17.43 -4.85 -18.65
CA ASP A 153 18.62 -4.84 -17.82
C ASP A 153 18.41 -3.96 -16.59
N VAL A 154 19.04 -4.32 -15.48
CA VAL A 154 19.13 -3.43 -14.33
C VAL A 154 20.62 -3.22 -14.03
N VAL A 155 21.02 -1.95 -14.00
CA VAL A 155 22.41 -1.60 -13.69
C VAL A 155 22.54 -1.07 -12.27
N VAL A 156 23.51 -1.60 -11.54
CA VAL A 156 23.88 -1.05 -10.23
C VAL A 156 25.15 -0.23 -10.42
N PRO A 157 25.06 1.11 -10.28
CA PRO A 157 26.27 1.93 -10.49
C PRO A 157 27.44 1.55 -9.59
N THR A 158 28.64 1.72 -10.12
CA THR A 158 29.86 1.43 -9.36
C THR A 158 30.62 2.71 -9.08
N PHE B 1 -18.82 -0.53 5.59
CA PHE B 1 -17.53 0.20 5.56
C PHE B 1 -17.43 1.04 6.82
N ALA B 2 -16.29 0.93 7.51
CA ALA B 2 -16.06 1.74 8.70
C ALA B 2 -14.57 1.86 8.90
N CYS B 3 -14.18 2.76 9.79
CA CYS B 3 -12.78 3.07 10.00
C CYS B 3 -12.45 3.15 11.49
N LYS B 4 -11.17 3.01 11.81
CA LYS B 4 -10.72 3.14 13.19
C LYS B 4 -9.30 3.68 13.23
N THR B 5 -8.91 4.22 14.38
CA THR B 5 -7.55 4.71 14.56
C THR B 5 -6.72 3.65 15.26
N ALA B 6 -5.42 3.91 15.32
CA ALA B 6 -4.50 2.96 15.93
C ALA B 6 -4.84 2.72 17.41
N ASN B 7 -5.46 3.69 18.06
CA ASN B 7 -5.80 3.53 19.47
C ASN B 7 -7.24 3.03 19.67
N GLY B 8 -7.89 2.68 18.57
CA GLY B 8 -9.21 2.06 18.64
C GLY B 8 -10.40 3.00 18.49
N THR B 9 -10.16 4.28 18.33
CA THR B 9 -11.26 5.23 18.10
C THR B 9 -11.88 4.95 16.74
N ALA B 10 -13.19 4.75 16.70
CA ALA B 10 -13.84 4.30 15.48
C ALA B 10 -14.85 5.32 14.96
N ILE B 11 -15.06 5.27 13.65
CA ILE B 11 -16.18 5.94 12.99
C ILE B 11 -16.97 4.82 12.32
N PRO B 12 -18.25 4.69 12.64
CA PRO B 12 -18.99 3.53 12.15
C PRO B 12 -19.57 3.71 10.75
N ILE B 13 -20.21 2.65 10.28
CA ILE B 13 -21.03 2.69 9.08
C ILE B 13 -21.82 4.00 9.03
N GLY B 14 -21.75 4.69 7.89
CA GLY B 14 -22.48 5.94 7.69
C GLY B 14 -21.65 7.19 7.90
N GLY B 15 -20.43 7.01 8.40
CA GLY B 15 -19.56 8.15 8.61
C GLY B 15 -19.72 8.84 9.94
N GLY B 16 -19.03 9.96 10.06
CA GLY B 16 -18.94 10.70 11.31
C GLY B 16 -17.59 11.35 11.41
N SER B 17 -17.15 11.62 12.63
CA SER B 17 -15.88 12.30 12.85
C SER B 17 -15.11 11.68 14.01
N ALA B 18 -13.79 11.86 13.99
CA ALA B 18 -12.94 11.40 15.08
C ALA B 18 -11.69 12.25 15.15
N ASN B 19 -11.10 12.29 16.33
CA ASN B 19 -9.83 12.98 16.54
C ASN B 19 -8.67 12.00 16.46
N VAL B 20 -7.57 12.46 15.86
CA VAL B 20 -6.34 11.69 15.73
C VAL B 20 -5.21 12.54 16.29
N TYR B 21 -4.47 11.99 17.25
CA TYR B 21 -3.38 12.70 17.88
C TYR B 21 -2.06 12.13 17.37
N VAL B 22 -1.19 12.99 16.84
CA VAL B 22 0.02 12.52 16.20
C VAL B 22 1.28 13.07 16.85
N ASN B 23 2.27 12.21 17.01
CA ASN B 23 3.59 12.63 17.43
C ASN B 23 4.30 13.22 16.22
N LEU B 24 4.99 14.33 16.44
CA LEU B 24 5.65 15.04 15.35
C LEU B 24 7.14 15.19 15.65
N ALA B 25 7.97 15.14 14.61
CA ALA B 25 9.40 15.41 14.79
C ALA B 25 9.53 16.76 15.48
N PRO B 26 10.30 16.82 16.58
CA PRO B 26 10.31 18.05 17.37
C PRO B 26 11.11 19.22 16.78
N VAL B 27 12.05 18.91 15.89
CA VAL B 27 12.88 19.92 15.27
C VAL B 27 12.87 19.67 13.77
N VAL B 28 12.47 20.68 12.99
CA VAL B 28 12.44 20.56 11.55
C VAL B 28 13.08 21.80 10.94
N ASN B 29 14.16 21.60 10.19
CA ASN B 29 14.85 22.70 9.56
C ASN B 29 14.15 23.15 8.28
N VAL B 30 14.30 24.43 7.95
CA VAL B 30 13.93 24.92 6.64
C VAL B 30 14.68 24.03 5.64
N GLY B 31 13.97 23.55 4.62
CA GLY B 31 14.56 22.66 3.65
C GLY B 31 14.31 21.18 3.92
N GLN B 32 13.73 20.88 5.08
CA GLN B 32 13.39 19.50 5.44
C GLN B 32 11.88 19.32 5.45
N ASN B 33 11.45 18.07 5.35
CA ASN B 33 10.04 17.76 5.49
C ASN B 33 9.70 17.25 6.90
N LEU B 34 8.61 17.78 7.43
CA LEU B 34 7.89 17.17 8.53
C LEU B 34 6.89 16.22 7.90
N VAL B 35 6.99 14.93 8.22
CA VAL B 35 6.12 13.93 7.62
C VAL B 35 5.08 13.50 8.65
N VAL B 36 3.82 13.60 8.26
CA VAL B 36 2.73 13.12 9.09
C VAL B 36 2.09 11.95 8.33
N ASP B 37 2.50 10.74 8.68
CA ASP B 37 2.05 9.54 7.98
C ASP B 37 0.81 8.95 8.64
N LEU B 38 -0.36 9.25 8.08
CA LEU B 38 -1.60 8.82 8.68
C LEU B 38 -1.90 7.35 8.36
N SER B 39 -1.14 6.75 7.44
CA SER B 39 -1.38 5.34 7.10
C SER B 39 -1.05 4.42 8.27
N THR B 40 -0.33 4.91 9.27
CA THR B 40 -0.06 4.14 10.48
C THR B 40 -1.08 4.41 11.59
N GLN B 41 -2.01 5.32 11.30
CA GLN B 41 -2.95 5.82 12.32
C GLN B 41 -4.44 5.61 11.97
N ILE B 42 -4.75 5.50 10.69
CA ILE B 42 -6.13 5.37 10.24
C ILE B 42 -6.29 4.14 9.36
N PHE B 43 -7.26 3.29 9.70
CA PHE B 43 -7.46 2.02 9.03
C PHE B 43 -8.93 1.86 8.70
N CYS B 44 -9.24 1.28 7.55
CA CYS B 44 -10.62 1.10 7.15
C CYS B 44 -10.84 -0.31 6.59
N HIS B 45 -12.10 -0.72 6.50
CA HIS B 45 -12.41 -2.02 5.92
C HIS B 45 -13.82 -2.01 5.31
N ASN B 46 -14.02 -3.00 4.44
CA ASN B 46 -15.27 -3.27 3.73
C ASN B 46 -16.04 -4.33 4.51
N ASP B 47 -17.32 -4.08 4.80
CA ASP B 47 -18.12 -5.00 5.62
C ASP B 47 -18.84 -6.10 4.83
N TYR B 48 -18.79 -6.03 3.51
CA TYR B 48 -19.52 -6.99 2.66
C TYR B 48 -18.78 -7.19 1.35
N PRO B 49 -17.50 -7.61 1.43
CA PRO B 49 -16.73 -7.70 0.19
C PRO B 49 -17.21 -8.80 -0.75
N GLU B 50 -18.04 -9.70 -0.25
CA GLU B 50 -18.63 -10.75 -1.07
C GLU B 50 -19.46 -10.20 -2.22
N THR B 51 -19.98 -8.99 -2.03
CA THR B 51 -20.96 -8.41 -2.94
C THR B 51 -20.61 -6.98 -3.34
N ILE B 52 -19.91 -6.26 -2.46
CA ILE B 52 -19.69 -4.82 -2.64
C ILE B 52 -18.21 -4.46 -2.78
N THR B 53 -17.95 -3.51 -3.67
CA THR B 53 -16.65 -2.84 -3.73
C THR B 53 -16.83 -1.43 -3.17
N ASP B 54 -16.00 -1.07 -2.19
CA ASP B 54 -16.00 0.28 -1.63
C ASP B 54 -14.94 1.13 -2.32
N TYR B 55 -15.28 2.40 -2.52
CA TYR B 55 -14.39 3.37 -3.14
C TYR B 55 -14.13 4.50 -2.15
N VAL B 56 -12.86 4.88 -2.00
CA VAL B 56 -12.48 5.84 -0.96
C VAL B 56 -11.55 6.89 -1.51
N THR B 57 -11.91 8.16 -1.32
CA THR B 57 -11.07 9.26 -1.72
C THR B 57 -10.70 10.11 -0.52
N LEU B 58 -9.65 10.92 -0.70
CA LEU B 58 -9.44 12.09 0.11
C LEU B 58 -10.22 13.20 -0.58
N GLN B 59 -11.40 13.53 -0.07
CA GLN B 59 -12.25 14.52 -0.71
C GLN B 59 -11.62 15.89 -0.59
N ARG B 60 -11.11 16.19 0.59
CA ARG B 60 -10.34 17.40 0.78
C ARG B 60 -9.56 17.34 2.08
N GLY B 61 -8.51 18.14 2.11
CA GLY B 61 -7.68 18.26 3.28
C GLY B 61 -7.43 19.74 3.53
N SER B 62 -7.62 20.15 4.77
CA SER B 62 -7.44 21.53 5.19
C SER B 62 -6.36 21.63 6.24
N ALA B 63 -5.63 22.73 6.22
CA ALA B 63 -4.58 23.01 7.20
C ALA B 63 -5.03 24.08 8.18
N TYR B 64 -4.56 23.97 9.43
CA TYR B 64 -4.94 24.90 10.48
C TYR B 64 -3.73 25.28 11.30
N GLY B 65 -3.89 26.32 12.11
CA GLY B 65 -2.87 26.74 13.04
C GLY B 65 -1.51 26.92 12.43
N GLY B 66 -0.51 26.35 13.09
CA GLY B 66 0.85 26.51 12.64
C GLY B 66 1.16 25.88 11.30
N VAL B 67 0.41 24.85 10.92
CA VAL B 67 0.67 24.22 9.63
C VAL B 67 0.21 25.16 8.53
N LEU B 68 -0.91 25.83 8.71
CA LEU B 68 -1.38 26.80 7.72
C LEU B 68 -0.46 28.00 7.61
N SER B 69 0.08 28.47 8.73
CA SER B 69 0.86 29.70 8.72
CA SER B 69 0.87 29.69 8.75
C SER B 69 2.35 29.49 8.44
N ASN B 70 2.90 28.35 8.84
CA ASN B 70 4.35 28.16 8.83
C ASN B 70 4.91 27.08 7.90
N PHE B 71 4.04 26.37 7.19
CA PHE B 71 4.46 25.27 6.33
C PHE B 71 3.85 25.35 4.94
N SER B 72 4.57 24.75 4.00
CA SER B 72 4.16 24.56 2.62
C SER B 72 3.93 23.06 2.45
N GLY B 73 2.72 22.69 2.06
CA GLY B 73 2.28 21.32 2.16
C GLY B 73 2.06 20.57 0.85
N THR B 74 2.29 19.26 0.95
CA THR B 74 1.98 18.30 -0.10
C THR B 74 1.31 17.12 0.59
N VAL B 75 0.29 16.55 -0.03
CA VAL B 75 -0.29 15.31 0.49
C VAL B 75 -0.04 14.22 -0.54
N LYS B 76 0.42 13.07 -0.04
CA LYS B 76 0.59 11.90 -0.87
C LYS B 76 -0.58 10.97 -0.58
N TYR B 77 -1.31 10.61 -1.63
CA TYR B 77 -2.44 9.69 -1.50
C TYR B 77 -2.22 8.52 -2.45
N SER B 78 -2.08 7.32 -1.88
CA SER B 78 -1.92 6.11 -2.67
C SER B 78 -0.86 6.28 -3.76
N GLY B 79 0.28 6.84 -3.39
CA GLY B 79 1.42 6.90 -4.28
C GLY B 79 1.53 8.12 -5.18
N SER B 80 0.54 9.00 -5.14
CA SER B 80 0.57 10.24 -5.93
C SER B 80 0.53 11.48 -5.04
N SER B 81 1.20 12.55 -5.46
CA SER B 81 1.32 13.76 -4.67
C SER B 81 0.47 14.92 -5.20
N TYR B 82 -0.10 15.67 -4.27
CA TYR B 82 -0.98 16.79 -4.57
C TYR B 82 -0.75 17.93 -3.59
N PRO B 83 -1.18 19.15 -3.96
CA PRO B 83 -1.09 20.27 -3.01
C PRO B 83 -1.91 20.04 -1.74
N PHE B 84 -1.39 20.51 -0.61
CA PHE B 84 -2.08 20.50 0.65
C PHE B 84 -1.88 21.85 1.32
N PRO B 85 -2.95 22.57 1.68
CA PRO B 85 -4.39 22.28 1.51
C PRO B 85 -4.77 21.95 0.08
N THR B 86 -5.79 21.10 -0.04
CA THR B 86 -6.08 20.49 -1.32
C THR B 86 -6.93 21.35 -2.25
N THR B 87 -6.81 21.05 -3.54
CA THR B 87 -7.51 21.79 -4.58
C THR B 87 -8.42 20.90 -5.44
N SER B 88 -8.42 19.60 -5.16
CA SER B 88 -9.30 18.67 -5.87
C SER B 88 -9.41 17.35 -5.11
N GLU B 89 -10.53 16.68 -5.30
CA GLU B 89 -10.72 15.35 -4.76
C GLU B 89 -9.76 14.38 -5.47
N THR B 90 -9.18 13.46 -4.70
CA THR B 90 -8.26 12.47 -5.25
C THR B 90 -8.97 11.38 -6.04
N PRO B 91 -8.20 10.61 -6.81
CA PRO B 91 -8.75 9.36 -7.35
C PRO B 91 -9.20 8.43 -6.22
N ARG B 92 -10.06 7.49 -6.57
CA ARG B 92 -10.58 6.52 -5.61
C ARG B 92 -9.61 5.38 -5.36
N VAL B 93 -9.53 4.96 -4.09
CA VAL B 93 -8.85 3.73 -3.71
C VAL B 93 -9.91 2.66 -3.42
N VAL B 94 -9.70 1.45 -3.91
CA VAL B 94 -10.62 0.34 -3.66
C VAL B 94 -10.35 -0.33 -2.31
N TYR B 95 -11.43 -0.54 -1.55
CA TYR B 95 -11.41 -1.37 -0.35
C TYR B 95 -12.26 -2.61 -0.64
N ASN B 96 -11.64 -3.78 -0.59
CA ASN B 96 -12.27 -5.00 -1.07
C ASN B 96 -12.07 -6.18 -0.11
N SER B 97 -11.77 -5.85 1.14
CA SER B 97 -11.50 -6.85 2.17
C SER B 97 -12.06 -6.39 3.50
N ARG B 98 -12.40 -7.39 4.32
CA ARG B 98 -12.89 -7.15 5.66
C ARG B 98 -11.72 -6.91 6.62
N THR B 99 -10.51 -7.22 6.17
CA THR B 99 -9.30 -6.96 6.96
C THR B 99 -9.00 -5.46 6.99
N ASP B 100 -8.70 -4.92 8.16
CA ASP B 100 -8.34 -3.51 8.28
C ASP B 100 -7.17 -3.22 7.36
N LYS B 101 -7.29 -2.15 6.59
CA LYS B 101 -6.21 -1.73 5.71
C LYS B 101 -5.94 -0.24 5.91
N PRO B 102 -4.66 0.16 5.84
CA PRO B 102 -4.39 1.58 6.03
C PRO B 102 -5.08 2.50 5.04
N TRP B 103 -5.43 3.70 5.51
CA TRP B 103 -5.83 4.78 4.64
C TRP B 103 -4.52 5.45 4.16
N PRO B 104 -4.20 5.34 2.85
CA PRO B 104 -2.84 5.68 2.42
C PRO B 104 -2.59 7.18 2.23
N VAL B 105 -2.67 7.92 3.33
CA VAL B 105 -2.48 9.37 3.35
C VAL B 105 -1.25 9.76 4.16
N ALA B 106 -0.40 10.59 3.57
CA ALA B 106 0.72 11.17 4.31
C ALA B 106 0.88 12.64 3.94
N LEU B 107 1.10 13.48 4.94
CA LEU B 107 1.37 14.90 4.72
C LEU B 107 2.87 15.13 4.75
N TYR B 108 3.34 15.93 3.79
CA TYR B 108 4.74 16.36 3.75
C TYR B 108 4.73 17.87 3.88
N LEU B 109 5.25 18.35 5.00
CA LEU B 109 5.12 19.75 5.37
C LEU B 109 6.51 20.34 5.51
N THR B 110 6.85 21.32 4.69
CA THR B 110 8.19 21.91 4.77
C THR B 110 8.07 23.38 5.20
N PRO B 111 8.97 23.82 6.11
CA PRO B 111 8.78 25.19 6.60
C PRO B 111 8.88 26.28 5.52
N VAL B 112 8.02 27.28 5.60
CA VAL B 112 8.16 28.44 4.74
C VAL B 112 9.33 29.28 5.25
N SER B 113 9.85 30.17 4.41
CA SER B 113 11.06 30.89 4.76
C SER B 113 10.85 31.80 5.96
N SER B 114 9.62 32.26 6.18
CA SER B 114 9.31 33.09 7.33
C SER B 114 9.21 32.30 8.65
N ALA B 115 9.26 30.98 8.57
CA ALA B 115 9.05 30.15 9.74
C ALA B 115 10.27 30.19 10.64
N GLY B 116 10.04 30.12 11.95
CA GLY B 116 11.12 30.15 12.90
C GLY B 116 10.55 30.10 14.30
N GLY B 117 11.14 29.29 15.15
CA GLY B 117 10.68 29.16 16.52
C GLY B 117 9.64 28.07 16.63
N VAL B 118 8.70 28.24 17.55
CA VAL B 118 7.68 27.23 17.75
C VAL B 118 6.68 27.38 16.60
N ALA B 119 6.76 26.46 15.66
CA ALA B 119 5.98 26.55 14.41
C ALA B 119 4.67 25.78 14.48
N ILE B 120 4.63 24.78 15.35
CA ILE B 120 3.40 24.06 15.67
C ILE B 120 3.33 23.93 17.18
N LYS B 121 2.19 24.28 17.77
CA LYS B 121 2.02 24.19 19.22
C LYS B 121 1.42 22.85 19.65
N ALA B 122 1.95 22.30 20.73
CA ALA B 122 1.41 21.07 21.31
C ALA B 122 -0.09 21.22 21.56
N GLY B 123 -0.84 20.20 21.16
CA GLY B 123 -2.27 20.17 21.41
C GLY B 123 -3.10 20.87 20.35
N SER B 124 -2.46 21.53 19.40
CA SER B 124 -3.21 22.30 18.41
C SER B 124 -3.71 21.44 17.25
N LEU B 125 -4.83 21.88 16.70
CA LEU B 125 -5.35 21.32 15.47
C LEU B 125 -4.43 21.69 14.32
N ILE B 126 -3.98 20.69 13.55
CA ILE B 126 -3.09 20.98 12.42
C ILE B 126 -3.76 20.68 11.07
N ALA B 127 -4.74 19.80 11.04
CA ALA B 127 -5.38 19.44 9.78
C ALA B 127 -6.75 18.84 10.01
N VAL B 128 -7.61 18.98 9.00
CA VAL B 128 -8.83 18.20 8.92
C VAL B 128 -8.82 17.51 7.57
N LEU B 129 -8.98 16.19 7.59
CA LEU B 129 -8.96 15.37 6.39
C LEU B 129 -10.31 14.68 6.24
N ILE B 130 -10.93 14.84 5.07
CA ILE B 130 -12.22 14.24 4.79
C ILE B 130 -12.06 13.03 3.87
N LEU B 131 -12.38 11.87 4.42
CA LEU B 131 -12.43 10.62 3.68
C LEU B 131 -13.84 10.46 3.14
N ARG B 132 -13.99 10.30 1.84
CA ARG B 132 -15.30 10.11 1.23
C ARG B 132 -15.43 8.69 0.71
N GLN B 133 -16.47 7.99 1.18
CA GLN B 133 -16.69 6.60 0.84
C GLN B 133 -17.97 6.42 0.02
N THR B 134 -17.83 5.77 -1.12
CA THR B 134 -18.94 5.36 -1.98
C THR B 134 -18.78 3.87 -2.28
N ASN B 135 -19.64 3.32 -3.11
CA ASN B 135 -19.51 1.91 -3.46
C ASN B 135 -20.12 1.63 -4.83
N ASN B 136 -20.11 0.36 -5.24
CA ASN B 136 -20.68 -0.06 -6.51
C ASN B 136 -22.02 -0.76 -6.32
N TYR B 137 -22.69 -0.45 -5.22
CA TYR B 137 -23.87 -1.22 -4.78
C TYR B 137 -25.13 -0.37 -4.66
N ASN B 138 -25.01 0.78 -4.00
CA ASN B 138 -26.16 1.67 -3.80
C ASN B 138 -25.70 3.12 -3.88
N SER B 139 -26.48 4.04 -3.33
CA SER B 139 -26.19 5.46 -3.48
CA SER B 139 -26.20 5.46 -3.47
C SER B 139 -25.43 6.06 -2.30
N ASP B 140 -24.91 5.20 -1.42
CA ASP B 140 -24.18 5.65 -0.23
C ASP B 140 -23.05 6.60 -0.59
N ASP B 141 -22.98 7.69 0.16
CA ASP B 141 -21.97 8.73 -0.05
C ASP B 141 -21.70 9.34 1.31
N PHE B 142 -20.71 8.79 2.00
CA PHE B 142 -20.47 9.07 3.41
C PHE B 142 -19.14 9.78 3.64
N GLN B 143 -19.12 10.70 4.59
CA GLN B 143 -17.88 11.39 4.98
C GLN B 143 -17.39 10.90 6.33
N PHE B 144 -16.11 10.56 6.36
CA PHE B 144 -15.40 10.20 7.58
C PHE B 144 -14.39 11.31 7.82
N VAL B 145 -14.62 12.12 8.85
CA VAL B 145 -13.88 13.35 9.06
C VAL B 145 -12.84 13.14 10.16
N TRP B 146 -11.58 13.36 9.81
CA TRP B 146 -10.48 13.11 10.73
C TRP B 146 -9.84 14.42 11.15
N ASN B 147 -10.00 14.76 12.43
CA ASN B 147 -9.41 15.96 12.99
C ASN B 147 -8.05 15.61 13.57
N ILE B 148 -7.01 16.21 13.00
CA ILE B 148 -5.63 15.85 13.33
C ILE B 148 -5.02 16.87 14.28
N TYR B 149 -4.58 16.39 15.44
CA TYR B 149 -3.99 17.25 16.48
C TYR B 149 -2.53 16.90 16.75
N ALA B 150 -1.73 17.93 17.03
CA ALA B 150 -0.33 17.75 17.40
C ALA B 150 -0.17 17.33 18.86
N ASN B 151 0.66 16.32 19.13
CA ASN B 151 0.92 15.90 20.50
C ASN B 151 2.02 16.71 21.16
N ASN B 152 2.80 17.43 20.35
CA ASN B 152 3.97 18.12 20.87
C ASN B 152 4.31 19.35 20.02
N ASP B 153 5.12 20.24 20.61
CA ASP B 153 5.67 21.39 19.90
C ASP B 153 6.58 20.95 18.75
N VAL B 154 6.60 21.74 17.68
CA VAL B 154 7.60 21.58 16.63
C VAL B 154 8.35 22.89 16.50
N VAL B 155 9.67 22.81 16.62
CA VAL B 155 10.53 23.99 16.49
C VAL B 155 11.23 24.01 15.14
N VAL B 156 11.18 25.16 14.48
CA VAL B 156 11.98 25.40 13.28
C VAL B 156 13.17 26.25 13.68
N PRO B 157 14.39 25.68 13.63
CA PRO B 157 15.57 26.47 14.03
C PRO B 157 15.74 27.76 13.22
N THR B 158 16.28 28.79 13.85
CA THR B 158 16.53 30.07 13.20
C THR B 158 18.03 30.31 13.08
O3 51C C . -12.73 -23.11 -4.04
C4 51C C . -17.06 -26.47 -6.68
C5 51C C . -15.87 -27.38 -6.43
O4 51C C . -10.97 -24.87 -5.41
C6 51C C . -14.64 -26.89 -7.13
C7 51C C . -13.79 -24.82 -7.99
C8 51C C . -14.47 -23.48 -8.20
C9 51C C . -14.02 -22.65 -5.95
O5 51C C . -11.63 -23.81 -8.07
C10 51C C . -14.34 -21.27 -5.42
C11 51C C . -12.64 -23.16 -5.45
C12 51C C . -12.28 -24.58 -5.87
C13 51C C . -12.35 -24.83 -7.38
O2 51C C . -13.42 -20.30 -5.96
O1 51C C . -13.94 -22.44 -7.36
O 51C C . -14.65 -25.48 -7.07
C3 51C C . -18.38 -27.20 -6.73
C2 51C C . -19.57 -26.33 -7.14
C1 51C C . -20.87 -26.81 -6.53
C 51C C . -22.09 -26.30 -7.24
H25 51C C . -11.96 -22.57 -3.71
H15 51C C . -16.92 -25.92 -7.61
H14 51C C . -17.12 -25.69 -5.91
H17 51C C . -16.11 -28.39 -6.75
H16 51C C . -15.70 -27.46 -5.36
H26 51C C . -11.07 -25.37 -4.56
H19 51C C . -14.66 -27.10 -8.20
H18 51C C . -13.74 -27.36 -6.73
H 51C C . -13.73 -25.34 -8.95
H21 51C C . -15.55 -23.56 -8.13
H20 51C C . -14.26 -23.12 -9.20
H1 51C C . -14.80 -23.35 -5.68
H27 51C C . -10.76 -24.21 -8.34
H23 51C C . -15.38 -20.99 -5.61
H22 51C C . -14.19 -21.22 -4.35
H2 51C C . -11.87 -22.47 -5.80
H3 51C C . -12.99 -25.25 -5.41
H4 51C C . -11.91 -25.81 -7.59
H24 51C C . -12.63 -20.32 -5.37
H12 51C C . -18.30 -28.03 -7.43
H13 51C C . -18.59 -27.65 -5.78
H10 51C C . -19.65 -26.27 -8.22
H11 51C C . -19.39 -25.29 -6.83
H8 51C C . -20.89 -27.90 -6.53
H9 51C C . -20.91 -26.53 -5.48
H7 51C C . -23.00 -26.67 -6.77
H5 51C C . -22.13 -26.60 -8.28
H6 51C C . -22.16 -25.21 -7.23
S SO4 D . -3.28 -18.14 8.81
O1 SO4 D . -3.20 -18.71 7.46
O2 SO4 D . -4.19 -18.94 9.61
O3 SO4 D . -1.94 -18.16 9.42
O4 SO4 D . -3.76 -16.76 8.73
O3 51C E . -20.55 -0.21 1.06
C4 51C E . -25.47 -3.30 2.79
C5 51C E . -25.87 -1.86 2.56
O4 51C E . -21.78 1.96 2.37
C6 51C E . -25.16 -0.90 3.48
C7 51C E . -23.08 -0.79 4.68
C8 51C E . -22.11 -1.89 5.00
C9 51C E . -20.87 -1.73 2.88
O5 51C E . -21.39 0.84 5.05
C10 51C E . -19.64 -2.49 2.47
C11 51C E . -20.79 -0.22 2.47
C12 51C E . -22.05 0.60 2.75
C13 51C E . -22.50 0.58 4.21
O2 51C E . -18.48 -1.97 3.10
O1 51C E . -20.84 -1.79 4.31
O 51C E . -23.82 -1.35 3.59
C3 51C E . -26.64 -4.25 2.89
C2 51C E . -26.24 -5.71 3.01
C1 51C E . -27.34 -6.64 2.58
C 51C E . -27.15 -8.06 3.01
H25 51C E . -19.74 0.34 0.91
H15 51C E . -24.86 -3.37 3.69
H14 51C E . -24.79 -3.64 2.00
H17 51C E . -25.70 -1.58 1.52
H16 51C E . -26.96 -1.77 2.68
H26 51C E . -21.14 2.31 3.04
H19 51C E . -25.53 -0.96 4.50
H18 51C E . -25.27 0.13 3.15
H 51C E . -23.70 -0.59 5.55
H21 51C E . -22.55 -2.88 4.89
H20 51C E . -21.81 -1.84 6.05
H1 51C E . -21.77 -2.19 2.47
H27 51C E . -21.19 1.81 4.96
H23 51C E . -19.76 -3.57 2.65
H22 51C E . -19.46 -2.37 1.41
H2 51C E . -19.95 0.21 2.99
H3 51C E . -22.86 0.21 2.14
H4 51C E . -23.27 1.34 4.34
H24 51C E . -18.62 -2.06 4.08
H12 51C E . -27.28 -4.12 2.02
H13 51C E . -27.26 -3.97 3.74
H10 51C E . -25.96 -5.93 4.04
H11 51C E . -25.35 -5.91 2.42
H8 51C E . -28.30 -6.28 2.94
H9 51C E . -27.44 -6.61 1.48
H7 51C E . -26.22 -8.48 2.61
H5 51C E . -27.95 -8.71 2.68
H6 51C E . -27.10 -8.16 4.09
S SO4 F . -11.12 7.83 -10.29
O1 SO4 F . -12.03 7.19 -11.25
O2 SO4 F . -11.71 7.76 -8.95
O3 SO4 F . -9.85 7.12 -10.29
O4 SO4 F . -10.93 9.22 -10.66
#